data_5M88
#
_entry.id   5M88
#
_cell.length_a   41.867
_cell.length_b   103.013
_cell.length_c   94.105
_cell.angle_alpha   90.000
_cell.angle_beta   92.590
_cell.angle_gamma   90.000
#
_symmetry.space_group_name_H-M   'C 1 2 1'
#
_entity_poly.entity_id   1
_entity_poly.type   'polypeptide(L)'
_entity_poly.pdbx_seq_one_letter_code
;MLCALSGEIPEEPVVSKKTGVLFEKRLILKYLEEHNNIEPGTTEELDPETDLLPIKTSRVVRPRPPNFTSIPSLLKAFQD
EWDALVLETYTTREQLARVREELATALYQHDAAVRVIARLTRERDEAREALARLTV
;
_entity_poly.pdbx_strand_id   A,B
#
# COMPACT_ATOMS: atom_id res chain seq x y z
N MET A 1 2.44 -10.54 23.72
CA MET A 1 3.90 -10.55 23.73
C MET A 1 4.41 -10.63 22.28
N LEU A 2 3.74 -9.91 21.39
CA LEU A 2 4.10 -9.90 19.97
C LEU A 2 4.61 -8.52 19.57
N CYS A 3 5.64 -8.51 18.72
CA CYS A 3 6.15 -7.25 18.19
C CYS A 3 5.10 -6.62 17.29
N ALA A 4 4.89 -5.31 17.46
CA ALA A 4 3.91 -4.62 16.64
C ALA A 4 4.41 -4.39 15.22
N LEU A 5 5.71 -4.51 14.98
CA LEU A 5 6.26 -4.32 13.64
C LEU A 5 6.33 -5.61 12.83
N SER A 6 6.55 -6.75 13.49
CA SER A 6 6.78 -8.00 12.79
C SER A 6 5.75 -9.09 13.10
N GLY A 7 4.94 -8.92 14.14
CA GLY A 7 4.01 -9.98 14.51
C GLY A 7 4.65 -11.23 15.03
N GLU A 8 5.88 -11.13 15.53
CA GLU A 8 6.61 -12.28 16.07
C GLU A 8 7.03 -11.98 17.50
N ILE A 9 7.38 -13.05 18.22
CA ILE A 9 7.82 -12.95 19.60
C ILE A 9 9.19 -12.28 19.63
N PRO A 10 9.33 -11.13 20.27
CA PRO A 10 10.62 -10.41 20.24
C PRO A 10 11.68 -11.12 21.06
N GLU A 11 12.91 -11.06 20.57
CA GLU A 11 14.04 -11.59 21.32
C GLU A 11 14.58 -10.58 22.32
N GLU A 12 14.48 -9.29 22.02
CA GLU A 12 14.81 -8.20 22.94
C GLU A 12 13.61 -7.26 23.01
N PRO A 13 12.58 -7.62 23.77
CA PRO A 13 11.35 -6.82 23.76
C PRO A 13 11.53 -5.48 24.47
N VAL A 14 10.95 -4.43 23.89
CA VAL A 14 10.93 -3.11 24.48
C VAL A 14 9.53 -2.52 24.34
N VAL A 15 9.05 -1.85 25.38
CA VAL A 15 7.76 -1.17 25.37
C VAL A 15 8.00 0.33 25.28
N SER A 16 7.17 0.99 24.49
CA SER A 16 7.23 2.45 24.38
C SER A 16 6.82 3.09 25.71
N LYS A 17 7.16 4.37 25.84
CA LYS A 17 6.75 5.15 27.01
C LYS A 17 5.55 6.04 26.74
N LYS A 18 5.47 6.62 25.54
CA LYS A 18 4.29 7.41 25.18
C LYS A 18 3.10 6.52 24.82
N THR A 19 3.35 5.30 24.38
CA THR A 19 2.31 4.30 24.12
C THR A 19 2.67 3.02 24.86
N GLY A 20 1.78 2.03 24.80
CA GLY A 20 2.01 0.79 25.49
C GLY A 20 2.31 -0.39 24.58
N VAL A 21 2.84 -0.10 23.40
CA VAL A 21 3.02 -1.11 22.35
C VAL A 21 4.42 -1.70 22.43
N LEU A 22 4.52 -3.00 22.16
CA LEU A 22 5.76 -3.75 22.29
C LEU A 22 6.44 -3.90 20.93
N PHE A 23 7.78 -3.90 20.96
CA PHE A 23 8.58 -3.97 19.74
C PHE A 23 9.81 -4.82 19.97
N GLU A 24 10.36 -5.32 18.87
CA GLU A 24 11.71 -5.87 18.87
C GLU A 24 12.70 -4.70 18.80
N LYS A 25 13.72 -4.74 19.66
CA LYS A 25 14.59 -3.57 19.86
C LYS A 25 15.23 -3.11 18.56
N ARG A 26 15.86 -4.04 17.82
CA ARG A 26 16.54 -3.63 16.60
C ARG A 26 15.56 -3.12 15.54
N LEU A 27 14.36 -3.70 15.48
CA LEU A 27 13.37 -3.26 14.50
C LEU A 27 12.89 -1.84 14.78
N ILE A 28 12.55 -1.56 16.05
CA ILE A 28 12.08 -0.21 16.38
C ILE A 28 13.22 0.80 16.24
N LEU A 29 14.46 0.41 16.53
CA LEU A 29 15.57 1.35 16.35
C LEU A 29 15.81 1.65 14.87
N LYS A 30 15.79 0.63 14.02
CA LYS A 30 15.94 0.86 12.59
C LYS A 30 14.76 1.65 12.03
N TYR A 31 13.59 1.53 12.64
CA TYR A 31 12.45 2.36 12.21
C TYR A 31 12.63 3.81 12.64
N LEU A 32 13.11 4.03 13.88
CA LEU A 32 13.34 5.38 14.36
C LEU A 32 14.54 6.03 13.69
N GLU A 33 15.37 5.26 13.00
CA GLU A 33 16.47 5.86 12.24
C GLU A 33 15.92 6.88 11.24
N GLU A 34 14.90 6.50 10.47
CA GLU A 34 14.35 7.39 9.46
C GLU A 34 13.30 8.35 10.03
N HIS A 35 12.36 7.82 10.81
CA HIS A 35 11.20 8.59 11.25
C HIS A 35 11.42 9.24 12.61
N ASN A 36 12.01 8.50 13.54
CA ASN A 36 12.28 8.94 14.92
C ASN A 36 11.00 9.16 15.73
N ASN A 37 9.87 8.62 15.27
CA ASN A 37 8.63 8.68 16.02
C ASN A 37 7.95 7.30 15.99
N ILE A 38 7.02 7.10 16.93
CA ILE A 38 6.28 5.86 16.96
C ILE A 38 5.45 5.74 15.67
N GLU A 39 5.08 4.51 15.34
CA GLU A 39 4.44 4.27 14.04
C GLU A 39 3.09 4.94 13.93
N PRO A 40 2.13 4.77 14.85
CA PRO A 40 0.89 5.56 14.77
C PRO A 40 1.01 6.88 15.51
N GLY A 41 1.82 6.88 16.57
CA GLY A 41 1.97 8.08 17.39
C GLY A 41 2.66 9.18 16.62
N THR A 42 2.03 10.35 16.53
CA THR A 42 2.63 11.48 15.85
C THR A 42 3.85 12.02 16.59
N THR A 43 3.84 11.96 17.92
CA THR A 43 4.95 12.49 18.69
C THR A 43 6.21 11.64 18.51
N GLU A 44 7.36 12.31 18.42
CA GLU A 44 8.63 11.62 18.29
C GLU A 44 9.13 11.18 19.66
N GLU A 45 10.09 10.24 19.65
CA GLU A 45 10.60 9.65 20.88
C GLU A 45 12.12 9.59 20.86
N LEU A 46 12.72 9.85 22.02
CA LEU A 46 14.17 9.76 22.17
C LEU A 46 14.61 8.29 22.19
N ASP A 47 15.90 8.08 21.91
CA ASP A 47 16.38 6.71 21.70
C ASP A 47 16.46 5.91 23.00
N PRO A 48 17.10 6.40 24.11
CA PRO A 48 17.07 5.67 25.38
C PRO A 48 15.80 5.92 26.20
N GLU A 49 14.64 5.86 25.53
CA GLU A 49 13.36 6.03 26.20
C GLU A 49 12.39 4.89 25.90
N THR A 50 12.89 3.77 25.39
CA THR A 50 12.09 2.56 25.20
C THR A 50 12.44 1.60 26.33
N ASP A 51 11.47 1.32 27.20
CA ASP A 51 11.72 0.53 28.40
C ASP A 51 11.94 -0.93 28.01
N LEU A 52 13.13 -1.45 28.29
CA LEU A 52 13.43 -2.83 27.95
C LEU A 52 12.75 -3.79 28.93
N LEU A 53 12.47 -5.00 28.44
CA LEU A 53 11.80 -6.02 29.22
C LEU A 53 12.59 -7.33 29.15
N PRO A 54 12.63 -8.11 30.23
CA PRO A 54 13.30 -9.41 30.17
C PRO A 54 12.28 -10.52 29.94
N ILE A 55 12.76 -11.76 29.82
CA ILE A 55 11.87 -12.90 29.61
C ILE A 55 11.77 -13.73 30.89
N THR A 69 17.33 -31.92 12.61
CA THR A 69 16.88 -31.46 11.30
C THR A 69 18.08 -31.20 10.38
N SER A 70 17.93 -31.60 9.11
CA SER A 70 19.02 -31.47 8.15
C SER A 70 19.31 -30.01 7.84
N ILE A 71 20.60 -29.69 7.70
CA ILE A 71 21.00 -28.30 7.42
C ILE A 71 20.48 -27.85 6.05
N PRO A 72 20.57 -28.64 4.97
CA PRO A 72 19.96 -28.20 3.72
C PRO A 72 18.46 -27.95 3.84
N SER A 73 17.75 -28.75 4.64
CA SER A 73 16.32 -28.48 4.84
C SER A 73 16.10 -27.19 5.62
N LEU A 74 17.01 -26.86 6.54
CA LEU A 74 16.90 -25.61 7.28
C LEU A 74 17.13 -24.42 6.35
N LEU A 75 18.10 -24.55 5.44
CA LEU A 75 18.32 -23.53 4.42
C LEU A 75 17.10 -23.40 3.50
N LYS A 76 16.49 -24.54 3.16
CA LYS A 76 15.27 -24.53 2.35
C LYS A 76 14.15 -23.79 3.07
N ALA A 77 14.02 -23.99 4.38
CA ALA A 77 12.99 -23.29 5.14
C ALA A 77 13.24 -21.79 5.19
N PHE A 78 14.49 -21.40 5.41
CA PHE A 78 14.85 -19.97 5.34
C PHE A 78 14.47 -19.39 3.99
N GLN A 79 14.81 -20.10 2.91
CA GLN A 79 14.50 -19.61 1.57
C GLN A 79 13.00 -19.51 1.34
N ASP A 80 12.24 -20.48 1.85
CA ASP A 80 10.78 -20.43 1.68
C ASP A 80 10.18 -19.25 2.40
N GLU A 81 10.66 -18.97 3.62
CA GLU A 81 10.14 -17.81 4.34
C GLU A 81 10.53 -16.52 3.64
N TRP A 82 11.74 -16.45 3.08
CA TRP A 82 12.15 -15.26 2.34
C TRP A 82 11.27 -15.06 1.11
N ASP A 83 10.97 -16.15 0.39
CA ASP A 83 10.07 -16.06 -0.75
C ASP A 83 8.70 -15.55 -0.34
N ALA A 84 8.17 -16.06 0.78
CA ALA A 84 6.87 -15.61 1.25
C ALA A 84 6.88 -14.12 1.55
N LEU A 85 7.93 -13.64 2.22
CA LEU A 85 8.01 -12.22 2.52
C LEU A 85 8.10 -11.37 1.26
N VAL A 86 8.88 -11.83 0.28
CA VAL A 86 9.03 -11.06 -0.96
C VAL A 86 7.70 -10.99 -1.71
N LEU A 87 6.98 -12.11 -1.79
CA LEU A 87 5.70 -12.11 -2.47
C LEU A 87 4.68 -11.25 -1.73
N GLU A 88 4.72 -11.26 -0.40
CA GLU A 88 3.79 -10.41 0.36
C GLU A 88 4.08 -8.94 0.12
N THR A 89 5.36 -8.56 0.13
CA THR A 89 5.73 -7.19 -0.21
C THR A 89 5.23 -6.80 -1.59
N TYR A 90 5.42 -7.70 -2.56
CA TYR A 90 4.98 -7.40 -3.93
C TYR A 90 3.48 -7.18 -4.00
N THR A 91 2.69 -8.10 -3.43
CA THR A 91 1.24 -7.98 -3.53
C THR A 91 0.72 -6.74 -2.80
N THR A 92 1.33 -6.41 -1.65
CA THR A 92 0.90 -5.20 -0.94
C THR A 92 1.23 -3.96 -1.75
N ARG A 93 2.41 -3.91 -2.38
CA ARG A 93 2.75 -2.75 -3.20
C ARG A 93 1.83 -2.64 -4.41
N GLU A 94 1.44 -3.76 -5.00
CA GLU A 94 0.51 -3.72 -6.14
C GLU A 94 -0.84 -3.16 -5.72
N GLN A 95 -1.37 -3.65 -4.59
CA GLN A 95 -2.63 -3.11 -4.09
C GLN A 95 -2.52 -1.62 -3.77
N LEU A 96 -1.37 -1.21 -3.22
CA LEU A 96 -1.15 0.22 -2.93
C LEU A 96 -1.18 1.05 -4.20
N ALA A 97 -0.50 0.58 -5.25
CA ALA A 97 -0.47 1.32 -6.50
C ALA A 97 -1.88 1.44 -7.10
N ARG A 98 -2.64 0.35 -7.06
CA ARG A 98 -3.99 0.40 -7.63
C ARG A 98 -4.89 1.36 -6.86
N VAL A 99 -4.84 1.31 -5.52
CA VAL A 99 -5.70 2.22 -4.75
C VAL A 99 -5.22 3.66 -4.89
N ARG A 100 -3.93 3.88 -5.11
CA ARG A 100 -3.45 5.24 -5.37
C ARG A 100 -3.99 5.76 -6.69
N GLU A 101 -4.02 4.90 -7.72
CA GLU A 101 -4.66 5.28 -8.98
C GLU A 101 -6.12 5.66 -8.78
N GLU A 102 -6.84 4.86 -8.00
CA GLU A 102 -8.25 5.15 -7.75
C GLU A 102 -8.43 6.47 -7.01
N LEU A 103 -7.53 6.74 -6.04
CA LEU A 103 -7.60 8.00 -5.31
C LEU A 103 -7.34 9.19 -6.22
N ALA A 104 -6.37 9.08 -7.12
CA ALA A 104 -6.10 10.17 -8.06
C ALA A 104 -7.30 10.42 -8.97
N THR A 105 -7.93 9.34 -9.45
CA THR A 105 -9.13 9.51 -10.27
C THR A 105 -10.25 10.20 -9.48
N ALA A 106 -10.44 9.80 -8.21
CA ALA A 106 -11.48 10.43 -7.41
C ALA A 106 -11.19 11.91 -7.17
N LEU A 107 -9.91 12.25 -6.98
CA LEU A 107 -9.55 13.66 -6.79
C LEU A 107 -9.83 14.47 -8.05
N TYR A 108 -9.49 13.90 -9.22
CA TYR A 108 -9.79 14.57 -10.48
C TYR A 108 -11.29 14.83 -10.64
N GLN A 109 -12.10 13.79 -10.37
CA GLN A 109 -13.55 13.96 -10.48
C GLN A 109 -14.08 14.97 -9.46
N HIS A 110 -13.47 15.02 -8.27
CA HIS A 110 -13.93 15.98 -7.26
C HIS A 110 -13.57 17.40 -7.65
N ASP A 111 -12.41 17.60 -8.26
CA ASP A 111 -12.06 18.93 -8.77
C ASP A 111 -13.07 19.38 -9.83
N ALA A 112 -13.41 18.47 -10.76
CA ALA A 112 -14.43 18.81 -11.76
C ALA A 112 -15.76 19.17 -11.10
N ALA A 113 -16.16 18.38 -10.08
CA ALA A 113 -17.41 18.65 -9.39
C ALA A 113 -17.37 19.99 -8.67
N VAL A 114 -16.22 20.36 -8.10
CA VAL A 114 -16.11 21.64 -7.42
C VAL A 114 -16.27 22.79 -8.41
N ARG A 115 -15.64 22.67 -9.59
CA ARG A 115 -15.81 23.72 -10.60
C ARG A 115 -17.27 23.85 -11.05
N VAL A 116 -17.94 22.73 -11.29
CA VAL A 116 -19.34 22.84 -11.73
C VAL A 116 -20.23 23.37 -10.61
N ILE A 117 -19.93 23.02 -9.35
CA ILE A 117 -20.68 23.58 -8.21
C ILE A 117 -20.52 25.09 -8.17
N ALA A 118 -19.29 25.57 -8.37
CA ALA A 118 -19.07 27.02 -8.39
C ALA A 118 -19.87 27.68 -9.50
N ARG A 119 -19.86 27.09 -10.70
CA ARG A 119 -20.62 27.66 -11.81
C ARG A 119 -22.11 27.69 -11.50
N LEU A 120 -22.63 26.61 -10.92
CA LEU A 120 -24.05 26.56 -10.59
C LEU A 120 -24.41 27.58 -9.51
N THR A 121 -23.55 27.76 -8.51
CA THR A 121 -23.81 28.75 -7.48
C THR A 121 -23.85 30.15 -8.09
N ARG A 122 -22.90 30.46 -8.98
CA ARG A 122 -22.89 31.78 -9.59
C ARG A 122 -24.14 32.01 -10.44
N GLU A 123 -24.54 31.00 -11.23
CA GLU A 123 -25.72 31.17 -12.07
C GLU A 123 -26.99 31.30 -11.24
N ARG A 124 -27.12 30.48 -10.19
CA ARG A 124 -28.26 30.55 -9.29
C ARG A 124 -28.35 31.93 -8.63
N ASP A 125 -27.22 32.46 -8.16
CA ASP A 125 -27.24 33.76 -7.50
C ASP A 125 -27.53 34.88 -8.49
N GLU A 126 -27.03 34.77 -9.73
CA GLU A 126 -27.36 35.76 -10.75
C GLU A 126 -28.86 35.77 -11.01
N ALA A 127 -29.47 34.59 -11.14
CA ALA A 127 -30.90 34.53 -11.39
C ALA A 127 -31.70 35.06 -10.21
N ARG A 128 -31.28 34.72 -8.98
CA ARG A 128 -32.00 35.20 -7.81
C ARG A 128 -31.88 36.71 -7.64
N GLU A 129 -30.72 37.28 -7.95
CA GLU A 129 -30.55 38.72 -7.87
C GLU A 129 -31.35 39.42 -8.96
N ALA A 130 -31.39 38.84 -10.17
CA ALA A 130 -32.25 39.39 -11.22
C ALA A 130 -33.72 39.33 -10.83
N LEU A 131 -34.11 38.30 -10.07
CA LEU A 131 -35.49 38.20 -9.61
C LEU A 131 -35.78 39.20 -8.50
N ALA A 132 -34.79 39.48 -7.65
CA ALA A 132 -34.96 40.49 -6.62
C ALA A 132 -35.12 41.88 -7.22
N ARG A 133 -34.58 42.08 -8.42
CA ARG A 133 -34.77 43.35 -9.14
C ARG A 133 -36.21 43.55 -9.60
N LEU A 134 -36.98 42.47 -9.71
CA LEU A 134 -38.33 42.50 -10.26
C LEU A 134 -38.32 43.05 -11.69
N MET B 1 16.24 -8.83 -17.20
CA MET B 1 17.40 -9.27 -16.42
C MET B 1 17.02 -9.44 -14.95
N LEU B 2 15.98 -8.71 -14.53
CA LEU B 2 15.53 -8.70 -13.15
C LEU B 2 14.17 -9.37 -13.02
N CYS B 3 13.98 -10.12 -11.94
CA CYS B 3 12.68 -10.71 -11.65
C CYS B 3 11.66 -9.62 -11.35
N ALA B 4 10.48 -9.76 -11.94
CA ALA B 4 9.42 -8.78 -11.72
C ALA B 4 8.77 -8.91 -10.35
N LEU B 5 8.95 -10.05 -9.68
CA LEU B 5 8.39 -10.23 -8.35
C LEU B 5 9.33 -9.80 -7.24
N SER B 6 10.64 -9.96 -7.44
CA SER B 6 11.62 -9.71 -6.39
C SER B 6 12.64 -8.64 -6.74
N GLY B 7 12.76 -8.23 -8.01
CA GLY B 7 13.77 -7.27 -8.37
C GLY B 7 15.19 -7.75 -8.21
N GLU B 8 15.41 -9.07 -8.26
CA GLU B 8 16.71 -9.66 -8.09
C GLU B 8 17.06 -10.51 -9.31
N ILE B 9 18.36 -10.77 -9.48
CA ILE B 9 18.86 -11.60 -10.57
C ILE B 9 18.43 -13.04 -10.32
N PRO B 10 17.60 -13.62 -11.18
CA PRO B 10 17.15 -15.00 -10.94
C PRO B 10 18.25 -15.99 -11.25
N GLU B 11 18.31 -17.06 -10.44
CA GLU B 11 19.21 -18.17 -10.74
C GLU B 11 18.58 -19.17 -11.69
N GLU B 12 17.25 -19.28 -11.66
CA GLU B 12 16.50 -20.09 -12.62
C GLU B 12 15.49 -19.16 -13.29
N PRO B 13 15.93 -18.32 -14.22
CA PRO B 13 15.03 -17.33 -14.81
C PRO B 13 14.06 -17.98 -15.79
N VAL B 14 12.81 -17.53 -15.76
CA VAL B 14 11.80 -17.97 -16.70
C VAL B 14 11.05 -16.74 -17.19
N VAL B 15 10.80 -16.68 -18.50
CA VAL B 15 10.03 -15.61 -19.10
C VAL B 15 8.65 -16.15 -19.44
N SER B 16 7.63 -15.34 -19.20
CA SER B 16 6.27 -15.75 -19.55
C SER B 16 6.13 -15.86 -21.07
N LYS B 17 5.10 -16.58 -21.49
CA LYS B 17 4.79 -16.70 -22.92
C LYS B 17 3.63 -15.80 -23.34
N LYS B 18 2.63 -15.62 -22.46
CA LYS B 18 1.53 -14.70 -22.74
C LYS B 18 1.95 -13.25 -22.57
N THR B 19 2.97 -12.98 -21.76
CA THR B 19 3.59 -11.68 -21.62
C THR B 19 5.09 -11.84 -21.82
N GLY B 20 5.83 -10.74 -21.75
CA GLY B 20 7.27 -10.82 -21.93
C GLY B 20 8.05 -10.60 -20.65
N VAL B 21 7.45 -10.91 -19.50
CA VAL B 21 8.01 -10.56 -18.21
C VAL B 21 8.83 -11.71 -17.64
N LEU B 22 9.94 -11.36 -16.98
CA LEU B 22 10.88 -12.33 -16.44
C LEU B 22 10.63 -12.53 -14.95
N PHE B 23 10.83 -13.77 -14.49
CA PHE B 23 10.56 -14.14 -13.11
C PHE B 23 11.59 -15.16 -12.64
N GLU B 24 11.72 -15.25 -11.31
CA GLU B 24 12.38 -16.40 -10.70
C GLU B 24 11.39 -17.55 -10.65
N LYS B 25 11.84 -18.74 -11.06
CA LYS B 25 10.94 -19.87 -11.28
C LYS B 25 10.14 -20.21 -10.04
N ARG B 26 10.81 -20.37 -8.90
CA ARG B 26 10.10 -20.76 -7.68
C ARG B 26 9.13 -19.68 -7.23
N LEU B 27 9.49 -18.41 -7.42
CA LEU B 27 8.62 -17.31 -7.01
C LEU B 27 7.35 -17.27 -7.85
N ILE B 28 7.49 -17.37 -9.18
CA ILE B 28 6.31 -17.32 -10.03
C ILE B 28 5.45 -18.57 -9.82
N LEU B 29 6.07 -19.72 -9.53
CA LEU B 29 5.28 -20.91 -9.27
C LEU B 29 4.51 -20.79 -7.96
N LYS B 30 5.14 -20.28 -6.90
CA LYS B 30 4.42 -20.08 -5.65
C LYS B 30 3.35 -19.01 -5.79
N TYR B 31 3.53 -18.06 -6.71
CA TYR B 31 2.49 -17.07 -6.96
C TYR B 31 1.30 -17.70 -7.70
N LEU B 32 1.58 -18.55 -8.69
CA LEU B 32 0.53 -19.24 -9.43
C LEU B 32 -0.15 -20.33 -8.62
N GLU B 33 0.44 -20.75 -7.49
CA GLU B 33 -0.23 -21.73 -6.64
C GLU B 33 -1.61 -21.23 -6.21
N GLU B 34 -1.68 -19.99 -5.72
CA GLU B 34 -2.96 -19.47 -5.23
C GLU B 34 -3.80 -18.88 -6.35
N HIS B 35 -3.19 -18.06 -7.21
CA HIS B 35 -3.93 -17.30 -8.20
C HIS B 35 -4.03 -18.03 -9.54
N ASN B 36 -2.94 -18.66 -9.97
CA ASN B 36 -2.81 -19.40 -11.23
C ASN B 36 -2.89 -18.49 -12.45
N ASN B 37 -2.73 -17.18 -12.28
CA ASN B 37 -2.66 -16.25 -13.41
C ASN B 37 -1.51 -15.29 -13.19
N ILE B 38 -1.06 -14.68 -14.30
CA ILE B 38 0.02 -13.70 -14.22
C ILE B 38 -0.42 -12.50 -13.39
N GLU B 39 0.55 -11.74 -12.90
CA GLU B 39 0.27 -10.67 -11.95
C GLU B 39 -0.57 -9.55 -12.57
N PRO B 40 -0.22 -8.96 -13.72
CA PRO B 40 -1.13 -7.98 -14.32
C PRO B 40 -2.13 -8.63 -15.27
N GLY B 41 -1.71 -9.71 -15.93
CA GLY B 41 -2.55 -10.38 -16.90
C GLY B 41 -3.72 -11.07 -16.22
N THR B 42 -4.95 -10.75 -16.64
CA THR B 42 -6.12 -11.43 -16.11
C THR B 42 -6.15 -12.89 -16.54
N THR B 43 -5.63 -13.18 -17.72
CA THR B 43 -5.64 -14.55 -18.23
C THR B 43 -4.74 -15.44 -17.38
N GLU B 44 -5.16 -16.70 -17.21
CA GLU B 44 -4.40 -17.65 -16.43
C GLU B 44 -3.19 -18.16 -17.21
N GLU B 45 -2.27 -18.78 -16.50
CA GLU B 45 -1.02 -19.25 -17.08
C GLU B 45 -0.80 -20.69 -16.66
N LEU B 46 -0.44 -21.53 -17.63
CA LEU B 46 -0.12 -22.92 -17.34
C LEU B 46 1.29 -23.02 -16.77
N ASP B 47 1.54 -24.11 -16.05
CA ASP B 47 2.81 -24.24 -15.35
C ASP B 47 3.93 -24.56 -16.34
N PRO B 48 3.78 -25.55 -17.25
CA PRO B 48 4.81 -25.74 -18.27
C PRO B 48 4.64 -24.81 -19.47
N GLU B 49 4.37 -23.53 -19.20
CA GLU B 49 4.31 -22.50 -20.24
C GLU B 49 5.18 -21.30 -19.89
N THR B 50 6.09 -21.44 -18.93
CA THR B 50 7.09 -20.42 -18.61
C THR B 50 8.41 -20.87 -19.22
N ASP B 51 8.88 -20.14 -20.23
CA ASP B 51 10.07 -20.53 -20.97
C ASP B 51 11.32 -20.29 -20.12
N LEU B 52 12.03 -21.36 -19.81
CA LEU B 52 13.25 -21.26 -19.03
C LEU B 52 14.39 -20.72 -19.89
N LEU B 53 15.40 -20.17 -19.23
CA LEU B 53 16.56 -19.60 -19.91
C LEU B 53 17.83 -20.20 -19.34
N PRO B 54 18.87 -20.38 -20.17
CA PRO B 54 20.12 -20.99 -19.69
C PRO B 54 21.17 -19.98 -19.26
N ILE B 55 22.32 -20.47 -18.83
CA ILE B 55 23.40 -19.61 -18.36
C ILE B 55 24.49 -19.49 -19.41
N THR B 69 32.66 -16.41 2.80
CA THR B 69 33.24 -15.49 3.77
C THR B 69 33.14 -16.05 5.19
N SER B 70 32.68 -15.24 6.14
CA SER B 70 32.50 -15.65 7.53
C SER B 70 31.02 -15.88 7.82
N ILE B 71 30.73 -16.95 8.55
CA ILE B 71 29.36 -17.33 8.88
C ILE B 71 28.68 -16.32 9.82
N PRO B 72 29.33 -15.81 10.87
CA PRO B 72 28.63 -14.81 11.69
C PRO B 72 28.23 -13.56 10.91
N SER B 73 29.07 -13.10 9.99
CA SER B 73 28.70 -11.97 9.15
C SER B 73 27.60 -12.34 8.18
N LEU B 74 27.57 -13.59 7.72
CA LEU B 74 26.51 -14.03 6.82
C LEU B 74 25.17 -14.07 7.54
N LEU B 75 25.15 -14.56 8.78
CA LEU B 75 23.93 -14.52 9.58
C LEU B 75 23.51 -13.09 9.87
N LYS B 76 24.47 -12.20 10.14
CA LYS B 76 24.13 -10.80 10.36
C LYS B 76 23.49 -10.20 9.11
N ALA B 77 24.00 -10.55 7.92
CA ALA B 77 23.44 -10.05 6.68
C ALA B 77 22.02 -10.60 6.45
N PHE B 78 21.83 -11.90 6.70
CA PHE B 78 20.48 -12.47 6.64
C PHE B 78 19.53 -11.72 7.57
N GLN B 79 19.98 -11.44 8.80
CA GLN B 79 19.13 -10.76 9.77
C GLN B 79 18.79 -9.34 9.30
N ASP B 80 19.77 -8.65 8.73
CA ASP B 80 19.52 -7.29 8.24
C ASP B 80 18.53 -7.31 7.08
N GLU B 81 18.67 -8.28 6.17
CA GLU B 81 17.73 -8.37 5.05
C GLU B 81 16.32 -8.69 5.53
N TRP B 82 16.20 -9.58 6.51
CA TRP B 82 14.89 -9.89 7.07
C TRP B 82 14.27 -8.68 7.74
N ASP B 83 15.07 -7.93 8.50
CA ASP B 83 14.58 -6.70 9.12
C ASP B 83 14.09 -5.72 8.06
N ALA B 84 14.87 -5.55 6.98
CA ALA B 84 14.49 -4.63 5.92
C ALA B 84 13.17 -5.06 5.27
N LEU B 85 13.02 -6.35 4.98
CA LEU B 85 11.78 -6.83 4.38
C LEU B 85 10.59 -6.63 5.30
N VAL B 86 10.77 -6.90 6.60
CA VAL B 86 9.66 -6.76 7.54
C VAL B 86 9.24 -5.30 7.67
N LEU B 87 10.22 -4.38 7.76
CA LEU B 87 9.86 -2.96 7.86
C LEU B 87 9.21 -2.47 6.57
N GLU B 88 9.66 -2.98 5.43
CA GLU B 88 9.03 -2.59 4.15
C GLU B 88 7.59 -3.08 4.09
N THR B 89 7.35 -4.33 4.47
CA THR B 89 5.98 -4.86 4.51
C THR B 89 5.10 -4.02 5.43
N TYR B 90 5.61 -3.68 6.62
CA TYR B 90 4.81 -2.90 7.56
C TYR B 90 4.47 -1.53 6.99
N THR B 91 5.48 -0.83 6.46
CA THR B 91 5.25 0.52 5.95
C THR B 91 4.30 0.49 4.75
N THR B 92 4.42 -0.52 3.90
CA THR B 92 3.54 -0.64 2.75
C THR B 92 2.11 -0.90 3.18
N ARG B 93 1.90 -1.77 4.17
CA ARG B 93 0.54 -2.03 4.65
C ARG B 93 -0.07 -0.80 5.30
N GLU B 94 0.74 -0.02 6.05
CA GLU B 94 0.22 1.19 6.67
C GLU B 94 -0.18 2.22 5.62
N GLN B 95 0.68 2.43 4.62
CA GLN B 95 0.35 3.33 3.53
C GLN B 95 -0.89 2.87 2.78
N LEU B 96 -1.04 1.56 2.59
CA LEU B 96 -2.22 1.03 1.91
C LEU B 96 -3.48 1.34 2.70
N ALA B 97 -3.46 1.12 4.01
CA ALA B 97 -4.64 1.41 4.83
C ALA B 97 -4.97 2.89 4.80
N ARG B 98 -3.95 3.76 4.89
CA ARG B 98 -4.19 5.19 4.89
C ARG B 98 -4.78 5.65 3.55
N VAL B 99 -4.25 5.14 2.45
CA VAL B 99 -4.76 5.54 1.14
C VAL B 99 -6.16 4.98 0.91
N ARG B 100 -6.47 3.81 1.48
CA ARG B 100 -7.84 3.30 1.38
C ARG B 100 -8.81 4.19 2.14
N GLU B 101 -8.40 4.65 3.34
CA GLU B 101 -9.22 5.60 4.07
C GLU B 101 -9.43 6.89 3.27
N GLU B 102 -8.38 7.39 2.65
CA GLU B 102 -8.50 8.61 1.86
C GLU B 102 -9.43 8.41 0.66
N LEU B 103 -9.37 7.24 0.03
CA LEU B 103 -10.26 6.93 -1.08
C LEU B 103 -11.71 6.88 -0.61
N ALA B 104 -11.96 6.25 0.53
CA ALA B 104 -13.34 6.21 1.05
C ALA B 104 -13.85 7.61 1.36
N THR B 105 -12.99 8.45 1.95
CA THR B 105 -13.37 9.84 2.22
C THR B 105 -13.70 10.58 0.93
N ALA B 106 -12.87 10.37 -0.11
CA ALA B 106 -13.13 11.02 -1.38
C ALA B 106 -14.44 10.56 -2.00
N LEU B 107 -14.76 9.27 -1.86
CA LEU B 107 -16.03 8.76 -2.39
C LEU B 107 -17.22 9.36 -1.66
N TYR B 108 -17.15 9.45 -0.33
CA TYR B 108 -18.22 10.08 0.43
C TYR B 108 -18.37 11.55 0.03
N GLN B 109 -17.26 12.26 -0.08
CA GLN B 109 -17.28 13.65 -0.48
C GLN B 109 -17.84 13.83 -1.88
N HIS B 110 -17.58 12.89 -2.78
CA HIS B 110 -18.09 12.98 -4.14
C HIS B 110 -19.59 12.75 -4.17
N ASP B 111 -20.09 11.82 -3.34
CA ASP B 111 -21.54 11.66 -3.22
C ASP B 111 -22.19 12.95 -2.73
N ALA B 112 -21.60 13.56 -1.70
CA ALA B 112 -22.11 14.84 -1.20
C ALA B 112 -22.10 15.90 -2.30
N ALA B 113 -21.02 15.96 -3.08
CA ALA B 113 -20.91 16.94 -4.14
C ALA B 113 -21.98 16.71 -5.22
N VAL B 114 -22.27 15.45 -5.54
CA VAL B 114 -23.30 15.15 -6.53
C VAL B 114 -24.68 15.60 -6.02
N ARG B 115 -24.95 15.34 -4.74
CA ARG B 115 -26.22 15.80 -4.17
C ARG B 115 -26.33 17.32 -4.21
N VAL B 116 -25.23 18.02 -3.90
CA VAL B 116 -25.26 19.47 -3.93
C VAL B 116 -25.41 19.97 -5.37
N ILE B 117 -24.82 19.26 -6.34
CA ILE B 117 -25.01 19.63 -7.74
C ILE B 117 -26.48 19.52 -8.13
N ALA B 118 -27.13 18.44 -7.72
CA ALA B 118 -28.55 18.27 -8.04
C ALA B 118 -29.39 19.37 -7.43
N ARG B 119 -29.17 19.66 -6.14
CA ARG B 119 -29.95 20.70 -5.48
C ARG B 119 -29.72 22.06 -6.13
N LEU B 120 -28.47 22.38 -6.45
CA LEU B 120 -28.15 23.66 -7.07
C LEU B 120 -28.76 23.77 -8.46
N THR B 121 -28.75 22.66 -9.22
CA THR B 121 -29.39 22.67 -10.54
C THR B 121 -30.88 22.94 -10.40
N ARG B 122 -31.54 22.29 -9.43
CA ARG B 122 -32.96 22.51 -9.25
C ARG B 122 -33.25 23.97 -8.88
N GLU B 123 -32.46 24.53 -7.96
CA GLU B 123 -32.70 25.92 -7.55
C GLU B 123 -32.42 26.89 -8.70
N ARG B 124 -31.35 26.65 -9.45
CA ARG B 124 -31.01 27.48 -10.60
C ARG B 124 -32.13 27.45 -11.63
N ASP B 125 -32.68 26.27 -11.90
CA ASP B 125 -33.75 26.16 -12.89
C ASP B 125 -35.04 26.79 -12.39
N GLU B 126 -35.33 26.66 -11.09
CA GLU B 126 -36.50 27.32 -10.53
C GLU B 126 -36.39 28.84 -10.65
N ALA B 127 -35.21 29.39 -10.34
CA ALA B 127 -35.04 30.84 -10.44
C ALA B 127 -35.11 31.31 -11.89
N ARG B 128 -34.51 30.55 -12.82
CA ARG B 128 -34.55 30.93 -14.22
C ARG B 128 -35.97 30.85 -14.78
N GLU B 129 -36.75 29.86 -14.35
CA GLU B 129 -38.14 29.78 -14.78
C GLU B 129 -38.96 30.92 -14.18
N ALA B 130 -38.67 31.29 -12.93
CA ALA B 130 -39.33 32.45 -12.34
C ALA B 130 -39.00 33.72 -13.09
N LEU B 131 -37.78 33.83 -13.62
CA LEU B 131 -37.44 35.01 -14.42
C LEU B 131 -38.10 34.95 -15.80
N ALA B 132 -38.28 33.76 -16.36
CA ALA B 132 -38.94 33.64 -17.66
C ALA B 132 -40.40 34.08 -17.61
N ARG B 133 -41.03 34.00 -16.44
CA ARG B 133 -42.40 34.48 -16.31
C ARG B 133 -42.46 36.00 -16.45
N LEU B 134 -41.45 36.70 -15.97
CA LEU B 134 -41.41 38.16 -16.03
C LEU B 134 -40.53 38.63 -17.19
#